data_6XSQ
#
_entry.id   6XSQ
#
_cell.length_a   117.470
_cell.length_b   63.640
_cell.length_c   74.340
_cell.angle_alpha   90.000
_cell.angle_beta   125.290
_cell.angle_gamma   90.000
#
_symmetry.space_group_name_H-M   'C 1 2 1'
#
loop_
_entity.id
_entity.type
_entity.pdbx_description
1 polymer 'Thiol:disulfide interchange protein DsbA'
2 non-polymer '[6-(3-methoxyphenyl)-2-(4-methoxyphenyl)-1-benzofuran-3-yl]acetic acid'
3 non-polymer 'COPPER (II) ION'
4 water water
#
_entity_poly.entity_id   1
_entity_poly.type   'polypeptide(L)'
_entity_poly.pdbx_seq_one_letter_code
;AQYEDGKQYTTLEKPVAGAPQVLEFFSFFCPHCYQFEEVLHISDNVKKKLPEGVKMTKYHVNFMGGDLGKDLTQAWAVAM
ALGVEDKVTVPLFEGVQKTQTIRSASDIRDVFINAGIKGEEYDAAWNSFVVKSLVAQQEKAAADVQLRGVPAMFVNGKYQ
LNPQGMDTSNMDVFVQQYADTVKYLSEKK
;
_entity_poly.pdbx_strand_id   A,B
#
# COMPACT_ATOMS: atom_id res chain seq x y z
N ALA A 1 22.81 -21.68 13.93
CA ALA A 1 22.05 -20.62 14.61
C ALA A 1 20.73 -20.37 13.88
N GLN A 2 19.64 -20.34 14.66
CA GLN A 2 18.31 -20.16 14.07
C GLN A 2 18.06 -18.70 13.69
N TYR A 3 18.51 -17.75 14.51
CA TYR A 3 18.63 -16.37 14.12
C TYR A 3 20.09 -16.07 13.81
N GLU A 4 20.36 -15.52 12.63
CA GLU A 4 21.72 -15.12 12.30
C GLU A 4 21.72 -13.77 11.61
N ASP A 5 22.72 -12.96 11.95
CA ASP A 5 22.95 -11.67 11.31
C ASP A 5 22.96 -11.82 9.79
N GLY A 6 22.23 -10.94 9.12
CA GLY A 6 22.07 -11.01 7.70
C GLY A 6 20.77 -11.66 7.24
N LYS A 7 20.18 -12.51 8.09
CA LYS A 7 18.93 -13.20 7.74
C LYS A 7 17.70 -12.45 8.27
N GLN A 8 17.37 -12.66 9.54
CA GLN A 8 16.21 -12.01 10.13
C GLN A 8 16.49 -10.58 10.57
N TYR A 9 17.75 -10.20 10.68
CA TYR A 9 18.12 -8.86 11.13
C TYR A 9 19.50 -8.54 10.59
N THR A 10 19.83 -7.25 10.62
CA THR A 10 21.19 -6.81 10.39
C THR A 10 21.71 -6.13 11.64
N THR A 11 23.03 -5.98 11.73
CA THR A 11 23.66 -5.30 12.85
C THR A 11 24.26 -3.98 12.38
N LEU A 12 24.09 -2.94 13.19
CA LEU A 12 24.57 -1.61 12.82
C LEU A 12 26.08 -1.54 12.90
N GLU A 13 26.71 -0.96 11.87
CA GLU A 13 28.16 -0.79 11.86
C GLU A 13 28.61 0.01 13.07
N LYS A 14 28.04 1.20 13.24
CA LYS A 14 28.29 2.01 14.42
C LYS A 14 27.01 2.05 15.23
N PRO A 15 26.97 1.44 16.41
CA PRO A 15 25.73 1.45 17.19
C PRO A 15 25.40 2.84 17.70
N VAL A 16 24.14 2.98 18.11
CA VAL A 16 23.61 4.23 18.63
C VAL A 16 23.34 4.05 20.12
N ALA A 17 23.96 4.89 20.93
CA ALA A 17 23.81 4.84 22.37
C ALA A 17 22.64 5.70 22.82
N GLY A 18 21.95 5.24 23.86
CA GLY A 18 20.81 5.97 24.39
C GLY A 18 19.55 5.86 23.59
N ALA A 19 19.52 5.02 22.56
CA ALA A 19 18.33 4.85 21.73
C ALA A 19 17.24 4.14 22.51
N PRO A 20 15.98 4.28 22.07
CA PRO A 20 14.89 3.53 22.71
C PRO A 20 15.04 2.05 22.47
N GLN A 21 14.45 1.27 23.37
CA GLN A 21 14.51 -0.18 23.24
C GLN A 21 14.01 -0.64 21.87
N VAL A 22 12.77 -0.31 21.53
CA VAL A 22 12.21 -0.64 20.22
C VAL A 22 11.84 0.66 19.51
N LEU A 23 12.42 0.89 18.35
CA LEU A 23 12.25 2.14 17.62
C LEU A 23 11.78 1.88 16.20
N GLU A 24 10.57 2.32 15.86
CA GLU A 24 10.05 2.15 14.51
C GLU A 24 10.04 3.47 13.75
N PHE A 25 10.35 3.40 12.46
CA PHE A 25 10.22 4.53 11.55
C PHE A 25 9.24 4.17 10.46
N PHE A 26 8.37 5.12 10.11
CA PHE A 26 7.36 4.90 9.09
C PHE A 26 7.05 6.21 8.39
N SER A 27 6.31 6.11 7.29
CA SER A 27 5.87 7.27 6.52
C SER A 27 4.43 7.04 6.09
N PHE A 28 3.56 8.04 6.26
CA PHE A 28 2.22 7.86 5.74
C PHE A 28 2.17 7.75 4.23
N PHE A 29 3.28 8.06 3.53
CA PHE A 29 3.39 7.87 2.08
C PHE A 29 3.90 6.49 1.70
N CYS A 30 4.25 5.69 2.67
CA CYS A 30 5.02 4.48 2.46
C CYS A 30 4.08 3.31 2.29
N PRO A 31 4.05 2.65 1.11
CA PRO A 31 3.10 1.56 0.89
C PRO A 31 3.28 0.37 1.83
N HIS A 32 4.51 -0.05 2.13
CA HIS A 32 4.65 -1.14 3.09
C HIS A 32 4.22 -0.70 4.48
N CYS A 33 4.39 0.58 4.79
CA CYS A 33 3.98 1.09 6.09
C CYS A 33 2.46 1.00 6.25
N TYR A 34 1.73 1.30 5.20
CA TYR A 34 0.28 1.12 5.23
C TYR A 34 -0.06 -0.33 5.54
N GLN A 35 0.65 -1.27 4.91
CA GLN A 35 0.42 -2.68 5.19
C GLN A 35 0.78 -3.04 6.63
N PHE A 36 1.98 -2.64 7.11
CA PHE A 36 2.31 -2.94 8.51
C PHE A 36 1.27 -2.40 9.48
N GLU A 37 0.65 -1.28 9.16
CA GLU A 37 -0.23 -0.68 10.14
C GLU A 37 -1.63 -1.27 10.06
N GLU A 38 -2.18 -1.37 8.85
CA GLU A 38 -3.58 -1.69 8.71
C GLU A 38 -3.82 -3.17 8.44
N VAL A 39 -2.93 -3.82 7.68
CA VAL A 39 -3.13 -5.22 7.31
C VAL A 39 -2.48 -6.16 8.31
N LEU A 40 -1.23 -5.88 8.70
CA LEU A 40 -0.44 -6.78 9.53
C LEU A 40 -0.36 -6.35 10.99
N HIS A 41 -0.55 -5.08 11.31
CA HIS A 41 -0.56 -4.65 12.71
C HIS A 41 0.73 -5.06 13.44
N ILE A 42 1.84 -4.87 12.74
CA ILE A 42 3.18 -5.14 13.24
C ILE A 42 3.39 -4.63 14.66
N SER A 43 3.30 -3.32 14.85
CA SER A 43 3.60 -2.75 16.16
C SER A 43 2.83 -3.47 17.25
N ASP A 44 1.52 -3.65 17.05
CA ASP A 44 0.70 -4.24 18.09
C ASP A 44 1.11 -5.68 18.39
N ASN A 45 1.49 -6.43 17.35
CA ASN A 45 1.91 -7.81 17.59
C ASN A 45 3.28 -7.86 18.21
N VAL A 46 4.18 -6.96 17.83
CA VAL A 46 5.44 -6.85 18.54
C VAL A 46 5.18 -6.58 20.01
N LYS A 47 4.46 -5.49 20.28
CA LYS A 47 4.18 -5.09 21.66
C LYS A 47 3.73 -6.27 22.51
N LYS A 48 2.78 -7.05 21.99
CA LYS A 48 2.24 -8.16 22.75
C LYS A 48 3.26 -9.27 23.01
N LYS A 49 4.41 -9.28 22.35
CA LYS A 49 5.40 -10.32 22.54
C LYS A 49 6.55 -9.90 23.45
N LEU A 50 6.54 -8.67 23.94
CA LEU A 50 7.54 -8.04 24.80
C LEU A 50 7.03 -7.92 26.24
N PRO A 51 7.93 -7.81 27.23
CA PRO A 51 7.48 -7.49 28.59
C PRO A 51 6.75 -6.15 28.62
N GLU A 52 5.98 -5.93 29.70
CA GLU A 52 5.19 -4.71 29.84
C GLU A 52 6.04 -3.47 30.05
N GLY A 53 7.27 -3.62 30.56
CA GLY A 53 8.09 -2.45 30.80
C GLY A 53 8.74 -1.88 29.56
N VAL A 54 8.83 -2.65 28.48
CA VAL A 54 9.55 -2.21 27.29
C VAL A 54 8.83 -1.04 26.63
N LYS A 55 9.60 -0.03 26.26
CA LYS A 55 9.07 1.17 25.62
C LYS A 55 9.18 1.03 24.11
N MET A 56 8.05 1.20 23.43
CA MET A 56 8.05 1.22 21.98
C MET A 56 7.94 2.68 21.54
N THR A 57 8.79 3.07 20.60
CA THR A 57 8.77 4.42 20.06
C THR A 57 8.60 4.32 18.56
N LYS A 58 7.68 5.13 18.03
CA LYS A 58 7.41 5.17 16.60
C LYS A 58 7.56 6.61 16.13
N TYR A 59 8.32 6.80 15.04
CA TYR A 59 8.60 8.12 14.50
C TYR A 59 8.31 8.18 13.00
N HIS A 60 7.87 9.36 12.55
CA HIS A 60 7.66 9.64 11.14
C HIS A 60 8.94 10.18 10.52
N VAL A 61 9.07 10.05 9.20
CA VAL A 61 10.29 10.42 8.47
C VAL A 61 9.94 11.43 7.37
N ASN A 62 10.96 12.20 6.96
CA ASN A 62 10.77 13.26 5.98
C ASN A 62 11.03 12.84 4.54
N PHE A 63 11.73 11.75 4.29
CA PHE A 63 12.31 11.58 2.96
C PHE A 63 11.32 11.06 1.90
N MET A 64 10.04 10.86 2.22
CA MET A 64 9.02 10.64 1.20
C MET A 64 7.98 11.75 1.26
N GLY A 65 7.55 12.20 0.09
CA GLY A 65 6.43 13.12 0.01
C GLY A 65 6.77 14.60 0.00
N GLY A 66 8.05 14.98 -0.08
CA GLY A 66 8.38 16.39 -0.24
C GLY A 66 7.81 17.26 0.88
N ASP A 67 7.09 18.33 0.49
CA ASP A 67 6.46 19.24 1.46
C ASP A 67 5.47 18.52 2.38
N LEU A 68 4.54 17.76 1.81
CA LEU A 68 3.63 17.02 2.69
C LEU A 68 4.37 16.07 3.60
N GLY A 69 5.47 15.49 3.12
CA GLY A 69 6.25 14.59 3.97
C GLY A 69 6.67 15.25 5.28
N LYS A 70 7.14 16.49 5.21
CA LYS A 70 7.54 17.20 6.43
C LYS A 70 6.32 17.63 7.23
N ASP A 71 5.29 18.16 6.54
CA ASP A 71 4.03 18.46 7.22
C ASP A 71 3.57 17.27 8.05
N LEU A 72 3.65 16.07 7.48
CA LEU A 72 3.20 14.88 8.19
C LEU A 72 4.05 14.60 9.40
N THR A 73 5.35 14.87 9.32
CA THR A 73 6.21 14.66 10.47
C THR A 73 5.89 15.65 11.57
N GLN A 74 5.58 16.91 11.21
CA GLN A 74 5.14 17.83 12.25
C GLN A 74 3.82 17.38 12.84
N ALA A 75 2.88 16.96 11.98
CA ALA A 75 1.60 16.48 12.45
C ALA A 75 1.76 15.26 13.35
N TRP A 76 2.67 14.34 13.00
CA TRP A 76 2.93 13.23 13.90
C TRP A 76 3.45 13.72 15.25
N ALA A 77 4.29 14.77 15.25
CA ALA A 77 4.71 15.38 16.52
C ALA A 77 3.51 15.92 17.27
N VAL A 78 2.58 16.60 16.59
CA VAL A 78 1.34 17.02 17.25
C VAL A 78 0.64 15.81 17.84
N ALA A 79 0.44 14.77 17.01
CA ALA A 79 -0.22 13.56 17.49
C ALA A 79 0.44 13.01 18.76
N MET A 80 1.77 13.00 18.81
CA MET A 80 2.46 12.49 20.00
C MET A 80 2.33 13.45 21.18
N ALA A 81 2.44 14.76 20.92
CA ALA A 81 2.32 15.74 22.00
C ALA A 81 0.94 15.64 22.66
N LEU A 82 -0.11 15.39 21.86
CA LEU A 82 -1.46 15.31 22.36
C LEU A 82 -1.87 13.90 22.75
N GLY A 83 -1.08 12.90 22.43
CA GLY A 83 -1.45 11.54 22.78
C GLY A 83 -2.55 10.93 21.94
N VAL A 84 -2.72 11.39 20.70
CA VAL A 84 -3.85 10.87 19.92
C VAL A 84 -3.35 10.07 18.73
N GLU A 85 -2.18 9.44 18.85
CA GLU A 85 -1.71 8.54 17.79
C GLU A 85 -2.80 7.55 17.40
N ASP A 86 -3.51 6.98 18.37
CA ASP A 86 -4.45 5.93 18.01
C ASP A 86 -5.68 6.48 17.30
N LYS A 87 -5.96 7.78 17.44
CA LYS A 87 -7.11 8.37 16.79
C LYS A 87 -6.85 8.81 15.35
N VAL A 88 -5.59 9.08 14.98
CA VAL A 88 -5.30 9.70 13.68
C VAL A 88 -4.46 8.83 12.77
N THR A 89 -3.90 7.71 13.25
CA THR A 89 -3.03 6.90 12.38
C THR A 89 -3.80 6.35 11.19
N VAL A 90 -4.99 5.80 11.42
CA VAL A 90 -5.70 5.13 10.33
C VAL A 90 -6.19 6.18 9.34
N PRO A 91 -6.96 7.18 9.77
CA PRO A 91 -7.32 8.25 8.82
C PRO A 91 -6.15 8.93 8.15
N LEU A 92 -5.01 9.10 8.82
CA LEU A 92 -3.88 9.66 8.10
C LEU A 92 -3.45 8.72 6.97
N PHE A 93 -3.30 7.42 7.27
CA PHE A 93 -2.94 6.46 6.23
C PHE A 93 -3.96 6.42 5.10
N GLU A 94 -5.25 6.46 5.43
CA GLU A 94 -6.21 6.33 4.34
C GLU A 94 -6.36 7.64 3.57
N GLY A 95 -6.21 8.77 4.25
CA GLY A 95 -6.22 10.04 3.56
C GLY A 95 -5.12 10.17 2.53
N VAL A 96 -3.93 9.66 2.85
CA VAL A 96 -2.79 9.77 1.95
C VAL A 96 -2.78 8.69 0.88
N GLN A 97 -3.21 7.46 1.20
CA GLN A 97 -3.02 6.35 0.28
C GLN A 97 -4.31 5.74 -0.25
N LYS A 98 -5.42 5.80 0.49
CA LYS A 98 -6.64 5.18 0.00
C LYS A 98 -7.51 6.18 -0.74
N THR A 99 -7.91 7.25 -0.08
CA THR A 99 -8.74 8.22 -0.77
C THR A 99 -7.91 9.32 -1.41
N GLN A 100 -6.65 9.49 -0.99
CA GLN A 100 -5.78 10.52 -1.53
C GLN A 100 -6.44 11.89 -1.44
N THR A 101 -7.06 12.14 -0.29
CA THR A 101 -7.68 13.42 0.03
C THR A 101 -6.80 14.30 0.88
N ILE A 102 -5.61 13.85 1.22
CA ILE A 102 -4.65 14.65 1.98
C ILE A 102 -3.64 15.19 0.98
N ARG A 103 -3.75 16.45 0.69
CA ARG A 103 -2.91 17.01 -0.33
C ARG A 103 -2.28 18.31 0.12
N SER A 104 -2.53 18.73 1.36
CA SER A 104 -1.97 19.95 1.95
C SER A 104 -1.98 19.81 3.46
N ALA A 105 -1.31 20.76 4.12
CA ALA A 105 -1.32 20.80 5.57
C ALA A 105 -2.74 20.95 6.11
N SER A 106 -3.59 21.68 5.37
CA SER A 106 -4.96 21.91 5.79
C SER A 106 -5.77 20.62 5.82
N ASP A 107 -5.53 19.71 4.86
CA ASP A 107 -6.25 18.43 4.88
C ASP A 107 -5.79 17.57 6.04
N ILE A 108 -4.50 17.59 6.36
CA ILE A 108 -4.02 16.87 7.54
C ILE A 108 -4.79 17.34 8.76
N ARG A 109 -4.86 18.66 8.94
CA ARG A 109 -5.62 19.26 10.04
C ARG A 109 -7.06 18.76 10.06
N ASP A 110 -7.69 18.71 8.88
CA ASP A 110 -9.06 18.19 8.82
C ASP A 110 -9.14 16.83 9.48
N VAL A 111 -8.12 15.99 9.26
CA VAL A 111 -8.15 14.66 9.85
C VAL A 111 -8.29 14.74 11.37
N PHE A 112 -7.48 15.60 11.98
CA PHE A 112 -7.53 15.76 13.44
C PHE A 112 -8.86 16.36 13.87
N ILE A 113 -9.39 17.31 13.09
CA ILE A 113 -10.66 17.92 13.43
C ILE A 113 -11.75 16.86 13.41
N ASN A 114 -11.83 16.10 12.31
CA ASN A 114 -12.83 15.05 12.26
C ASN A 114 -12.65 14.04 13.39
N ALA A 115 -11.40 13.81 13.81
CA ALA A 115 -11.09 12.81 14.81
C ALA A 115 -11.38 13.27 16.23
N GLY A 116 -11.84 14.51 16.42
CA GLY A 116 -12.24 14.98 17.73
C GLY A 116 -11.31 15.99 18.38
N ILE A 117 -10.13 16.25 17.83
CA ILE A 117 -9.21 17.23 18.37
C ILE A 117 -9.69 18.63 18.02
N LYS A 118 -9.82 19.49 19.04
CA LYS A 118 -10.34 20.82 18.80
C LYS A 118 -9.37 21.66 17.96
N GLY A 119 -9.95 22.49 17.08
CA GLY A 119 -9.13 23.34 16.23
C GLY A 119 -8.09 24.11 17.01
N GLU A 120 -8.47 24.65 18.16
CA GLU A 120 -7.55 25.48 18.94
C GLU A 120 -6.41 24.64 19.49
N GLU A 121 -6.70 23.44 19.99
CA GLU A 121 -5.63 22.58 20.51
C GLU A 121 -4.65 22.22 19.42
N TYR A 122 -5.18 21.83 18.25
CA TYR A 122 -4.32 21.45 17.14
C TYR A 122 -3.37 22.58 16.79
N ASP A 123 -3.94 23.74 16.47
CA ASP A 123 -3.11 24.86 16.03
C ASP A 123 -2.15 25.30 17.11
N ALA A 124 -2.59 25.28 18.38
CA ALA A 124 -1.66 25.61 19.46
C ALA A 124 -0.50 24.61 19.51
N ALA A 125 -0.81 23.32 19.39
CA ALA A 125 0.27 22.33 19.40
C ALA A 125 1.15 22.45 18.16
N TRP A 126 0.51 22.53 16.99
CA TRP A 126 1.24 22.66 15.73
C TRP A 126 2.35 23.71 15.82
N ASN A 127 2.06 24.87 16.42
CA ASN A 127 3.00 25.99 16.45
C ASN A 127 3.85 26.04 17.71
N SER A 128 3.78 25.01 18.55
CA SER A 128 4.50 25.03 19.82
C SER A 128 5.95 24.62 19.66
N PHE A 129 6.81 25.18 20.51
CA PHE A 129 8.20 24.74 20.55
C PHE A 129 8.34 23.34 21.12
N VAL A 130 7.37 22.87 21.92
CA VAL A 130 7.37 21.47 22.29
C VAL A 130 7.32 20.60 21.04
N VAL A 131 6.43 20.92 20.09
CA VAL A 131 6.35 20.15 18.86
C VAL A 131 7.60 20.32 18.00
N LYS A 132 8.12 21.55 17.86
CA LYS A 132 9.40 21.73 17.17
C LYS A 132 10.46 20.77 17.70
N SER A 133 10.53 20.63 19.02
CA SER A 133 11.49 19.71 19.62
C SER A 133 11.19 18.27 19.23
N LEU A 134 9.92 17.88 19.29
CA LEU A 134 9.54 16.53 18.88
C LEU A 134 9.84 16.29 17.41
N VAL A 135 9.69 17.32 16.57
CA VAL A 135 10.14 17.17 15.19
C VAL A 135 11.64 16.94 15.14
N ALA A 136 12.42 17.74 15.90
CA ALA A 136 13.87 17.54 15.94
C ALA A 136 14.23 16.14 16.44
N GLN A 137 13.50 15.63 17.43
CA GLN A 137 13.85 14.31 17.96
C GLN A 137 13.62 13.24 16.92
N GLN A 138 12.47 13.27 16.25
CA GLN A 138 12.19 12.33 15.17
C GLN A 138 13.32 12.35 14.14
N GLU A 139 13.67 13.55 13.67
CA GLU A 139 14.75 13.69 12.69
C GLU A 139 16.04 13.15 13.25
N LYS A 140 16.33 13.50 14.50
CA LYS A 140 17.61 13.07 15.04
C LYS A 140 17.69 11.55 15.05
N ALA A 141 16.68 10.92 15.63
CA ALA A 141 16.70 9.46 15.72
C ALA A 141 16.95 8.86 14.35
N ALA A 142 16.26 9.37 13.32
CA ALA A 142 16.44 8.84 11.97
C ALA A 142 17.86 9.09 11.49
N ALA A 143 18.36 10.30 11.70
CA ALA A 143 19.73 10.63 11.30
C ALA A 143 20.73 9.66 11.90
N ASP A 144 20.53 9.26 13.16
CA ASP A 144 21.51 8.40 13.83
C ASP A 144 21.84 7.12 13.06
N VAL A 145 20.87 6.54 12.35
CA VAL A 145 21.10 5.27 11.64
C VAL A 145 21.01 5.48 10.13
N GLN A 146 21.30 6.68 9.64
CA GLN A 146 21.31 6.97 8.20
C GLN A 146 20.12 6.30 7.49
N LEU A 147 18.93 6.54 8.01
CA LEU A 147 17.74 5.87 7.53
C LEU A 147 17.43 6.26 6.09
N ARG A 148 17.53 5.30 5.18
CA ARG A 148 17.13 5.50 3.79
C ARG A 148 15.91 4.68 3.40
N GLY A 149 15.40 3.82 4.29
CA GLY A 149 14.20 3.08 3.98
C GLY A 149 13.25 2.84 5.15
N VAL A 150 11.95 2.91 4.86
CA VAL A 150 10.91 2.50 5.81
C VAL A 150 10.04 1.46 5.15
N PRO A 151 9.25 0.69 5.92
CA PRO A 151 9.21 0.75 7.39
C PRO A 151 10.46 0.13 7.97
N ALA A 152 10.91 0.62 9.11
CA ALA A 152 12.15 0.17 9.73
C ALA A 152 11.93 0.00 11.22
N MET A 153 12.68 -0.93 11.81
CA MET A 153 12.62 -1.13 13.25
C MET A 153 13.99 -1.51 13.77
N PHE A 154 14.38 -0.85 14.86
CA PHE A 154 15.70 -1.00 15.46
C PHE A 154 15.50 -1.38 16.92
N VAL A 155 16.38 -2.25 17.42
CA VAL A 155 16.29 -2.73 18.80
C VAL A 155 17.57 -2.34 19.53
N ASN A 156 17.43 -1.47 20.54
CA ASN A 156 18.55 -1.04 21.37
C ASN A 156 19.66 -0.42 20.55
N GLY A 157 19.30 0.47 19.64
CA GLY A 157 20.27 1.13 18.79
C GLY A 157 21.36 0.26 18.19
N LYS A 158 21.13 -1.05 18.07
CA LYS A 158 22.19 -1.94 17.60
C LYS A 158 21.73 -2.84 16.47
N TYR A 159 20.45 -3.21 16.44
CA TYR A 159 19.95 -4.21 15.50
C TYR A 159 18.77 -3.68 14.70
N GLN A 160 18.76 -4.02 13.41
CA GLN A 160 17.75 -3.59 12.48
C GLN A 160 17.01 -4.80 11.95
N LEU A 161 15.69 -4.70 11.89
CA LEU A 161 14.87 -5.81 11.41
C LEU A 161 15.04 -5.97 9.90
N ASN A 162 15.15 -7.23 9.45
CA ASN A 162 15.35 -7.54 8.04
C ASN A 162 14.16 -8.34 7.51
N PRO A 163 13.04 -7.68 7.23
CA PRO A 163 11.85 -8.43 6.76
C PRO A 163 12.09 -9.21 5.48
N GLN A 164 13.18 -8.93 4.74
CA GLN A 164 13.47 -9.66 3.52
C GLN A 164 13.93 -11.09 3.79
N GLY A 165 14.28 -11.41 5.03
CA GLY A 165 14.62 -12.78 5.36
C GLY A 165 13.48 -13.58 6.00
N MET A 166 12.22 -13.22 5.72
CA MET A 166 11.09 -13.83 6.42
C MET A 166 10.04 -14.33 5.45
N ASP A 167 9.37 -15.43 5.79
CA ASP A 167 8.38 -16.01 4.90
C ASP A 167 7.20 -15.07 4.74
N THR A 168 6.73 -14.91 3.51
CA THR A 168 5.61 -14.00 3.25
C THR A 168 4.48 -14.70 2.50
N SER A 169 4.49 -16.03 2.46
CA SER A 169 3.34 -16.75 1.93
C SER A 169 2.12 -16.63 2.83
N ASN A 170 2.29 -16.22 4.09
CA ASN A 170 1.19 -16.17 5.04
C ASN A 170 1.38 -14.95 5.92
N MET A 171 0.40 -14.06 5.91
CA MET A 171 0.50 -12.82 6.67
C MET A 171 0.76 -13.08 8.15
N ASP A 172 0.13 -14.11 8.71
CA ASP A 172 0.25 -14.34 10.14
C ASP A 172 1.62 -14.90 10.49
N VAL A 173 2.09 -15.90 9.73
CA VAL A 173 3.43 -16.40 9.95
C VAL A 173 4.45 -15.27 9.84
N PHE A 174 4.25 -14.38 8.86
CA PHE A 174 5.21 -13.29 8.65
C PHE A 174 5.29 -12.36 9.84
N VAL A 175 4.17 -12.02 10.48
CA VAL A 175 4.26 -11.05 11.56
C VAL A 175 4.79 -11.72 12.82
N GLN A 176 4.53 -13.02 13.00
CA GLN A 176 5.06 -13.73 14.15
C GLN A 176 6.56 -13.88 14.05
N GLN A 177 7.09 -14.19 12.86
CA GLN A 177 8.53 -14.22 12.69
C GLN A 177 9.11 -12.86 13.00
N TYR A 178 8.46 -11.81 12.51
CA TYR A 178 8.88 -10.46 12.79
C TYR A 178 8.83 -10.17 14.29
N ALA A 179 7.75 -10.56 14.95
CA ALA A 179 7.59 -10.26 16.37
C ALA A 179 8.55 -11.11 17.20
N ASP A 180 8.61 -12.41 16.92
CA ASP A 180 9.54 -13.28 17.62
C ASP A 180 10.98 -12.78 17.45
N THR A 181 11.30 -12.23 16.29
CA THR A 181 12.64 -11.71 16.09
C THR A 181 12.91 -10.52 17.01
N VAL A 182 11.98 -9.57 17.07
CA VAL A 182 12.14 -8.41 17.95
C VAL A 182 12.38 -8.90 19.38
N LYS A 183 11.60 -9.88 19.81
CA LYS A 183 11.78 -10.40 21.15
C LYS A 183 13.16 -11.00 21.31
N TYR A 184 13.63 -11.76 20.32
CA TYR A 184 14.97 -12.36 20.43
C TYR A 184 16.04 -11.29 20.52
N LEU A 185 15.92 -10.24 19.70
CA LEU A 185 16.92 -9.18 19.76
C LEU A 185 16.84 -8.43 21.09
N SER A 186 15.63 -8.15 21.56
CA SER A 186 15.46 -7.47 22.84
C SER A 186 16.16 -8.20 23.96
N GLU A 187 16.47 -9.49 23.78
CA GLU A 187 17.11 -10.30 24.80
C GLU A 187 18.58 -10.59 24.51
N LYS A 188 19.14 -10.11 23.40
CA LYS A 188 20.58 -10.28 23.16
C LYS A 188 21.37 -9.33 24.03
N ALA B 1 -5.52 23.30 -26.22
CA ALA B 1 -5.87 21.88 -26.32
C ALA B 1 -6.39 21.33 -24.99
N GLN B 2 -7.53 20.63 -25.03
CA GLN B 2 -8.02 20.04 -23.79
C GLN B 2 -7.03 19.04 -23.23
N TYR B 3 -6.56 18.11 -24.06
CA TYR B 3 -5.67 17.05 -23.62
C TYR B 3 -4.23 17.46 -23.88
N GLU B 4 -3.44 17.49 -22.81
CA GLU B 4 -2.04 17.85 -22.85
C GLU B 4 -1.21 16.72 -22.27
N ASP B 5 -0.22 16.28 -23.04
CA ASP B 5 0.66 15.22 -22.57
C ASP B 5 1.33 15.66 -21.26
N GLY B 6 1.27 14.78 -20.25
CA GLY B 6 1.74 15.11 -18.94
C GLY B 6 0.68 15.65 -18.01
N LYS B 7 -0.44 16.12 -18.55
CA LYS B 7 -1.57 16.52 -17.71
C LYS B 7 -2.43 15.29 -17.42
N GLN B 8 -3.29 14.91 -18.36
CA GLN B 8 -4.19 13.78 -18.11
C GLN B 8 -3.56 12.43 -18.42
N TYR B 9 -2.42 12.40 -19.12
CA TYR B 9 -1.82 11.14 -19.54
C TYR B 9 -0.34 11.40 -19.77
N THR B 10 0.41 10.31 -19.83
CA THR B 10 1.79 10.34 -20.29
C THR B 10 1.95 9.37 -21.45
N THR B 11 3.07 9.50 -22.16
CA THR B 11 3.35 8.70 -23.35
C THR B 11 4.55 7.80 -23.10
N LEU B 12 4.37 6.51 -23.33
CA LEU B 12 5.47 5.56 -23.16
C LEU B 12 6.63 5.89 -24.09
N GLU B 13 7.84 5.93 -23.52
CA GLU B 13 9.03 6.14 -24.34
C GLU B 13 9.27 4.94 -25.26
N LYS B 14 8.98 3.72 -24.78
CA LYS B 14 9.16 2.49 -25.55
C LYS B 14 7.83 1.74 -25.58
N PRO B 15 6.92 2.09 -26.49
CA PRO B 15 5.59 1.48 -26.51
C PRO B 15 5.63 -0.04 -26.70
N VAL B 16 4.46 -0.65 -26.53
CA VAL B 16 4.31 -2.10 -26.47
C VAL B 16 3.43 -2.57 -27.61
N ALA B 17 4.02 -3.34 -28.53
CA ALA B 17 3.23 -3.99 -29.57
C ALA B 17 2.48 -5.18 -28.99
N GLY B 18 1.26 -5.40 -29.51
CA GLY B 18 0.42 -6.50 -29.06
C GLY B 18 -0.36 -6.25 -27.80
N ALA B 19 -0.19 -5.10 -27.16
CA ALA B 19 -0.86 -4.87 -25.88
C ALA B 19 -2.36 -4.70 -26.07
N PRO B 20 -3.13 -4.95 -25.03
CA PRO B 20 -4.58 -4.76 -25.10
C PRO B 20 -4.95 -3.28 -25.28
N GLN B 21 -6.15 -3.06 -25.83
CA GLN B 21 -6.65 -1.70 -26.01
C GLN B 21 -6.63 -0.93 -24.70
N VAL B 22 -7.23 -1.50 -23.67
CA VAL B 22 -7.30 -0.89 -22.34
C VAL B 22 -6.81 -1.95 -21.35
N LEU B 23 -5.69 -1.67 -20.69
CA LEU B 23 -5.10 -2.59 -19.73
C LEU B 23 -5.03 -1.91 -18.37
N GLU B 24 -5.80 -2.43 -17.40
CA GLU B 24 -5.80 -1.94 -16.04
C GLU B 24 -5.01 -2.91 -15.16
N PHE B 25 -4.15 -2.36 -14.28
CA PHE B 25 -3.40 -3.13 -13.31
C PHE B 25 -3.88 -2.79 -11.91
N PHE B 26 -3.91 -3.79 -11.03
CA PHE B 26 -4.35 -3.61 -9.67
C PHE B 26 -3.72 -4.67 -8.78
N SER B 27 -3.97 -4.54 -7.48
CA SER B 27 -3.60 -5.53 -6.48
C SER B 27 -4.70 -5.61 -5.46
N PHE B 28 -4.99 -6.82 -4.98
CA PHE B 28 -5.94 -6.83 -3.88
C PHE B 28 -5.38 -6.21 -2.60
N PHE B 29 -4.06 -5.96 -2.51
CA PHE B 29 -3.47 -5.31 -1.33
C PHE B 29 -3.50 -3.79 -1.39
N CYS B 30 -3.61 -3.25 -2.58
CA CYS B 30 -3.56 -1.83 -2.94
C CYS B 30 -4.79 -1.09 -2.46
N PRO B 31 -4.68 -0.24 -1.44
CA PRO B 31 -5.89 0.44 -0.96
C PRO B 31 -6.46 1.42 -1.97
N HIS B 32 -5.60 2.14 -2.69
CA HIS B 32 -6.13 3.05 -3.70
C HIS B 32 -6.80 2.28 -4.83
N CYS B 33 -6.40 1.03 -5.07
CA CYS B 33 -7.08 0.23 -6.09
C CYS B 33 -8.49 -0.12 -5.64
N TYR B 34 -8.65 -0.41 -4.35
CA TYR B 34 -9.97 -0.68 -3.80
C TYR B 34 -10.81 0.56 -3.92
N GLN B 35 -10.22 1.73 -3.66
CA GLN B 35 -10.93 3.00 -3.85
C GLN B 35 -11.37 3.17 -5.31
N PHE B 36 -10.46 2.97 -6.26
CA PHE B 36 -10.85 3.05 -7.67
C PHE B 36 -12.01 2.11 -7.99
N GLU B 37 -11.84 0.83 -7.69
CA GLU B 37 -12.78 -0.17 -8.19
C GLU B 37 -14.12 -0.06 -7.48
N GLU B 38 -14.11 -0.02 -6.16
CA GLU B 38 -15.33 -0.21 -5.39
C GLU B 38 -15.96 1.07 -4.87
N VAL B 39 -15.22 2.18 -4.80
CA VAL B 39 -15.74 3.45 -4.31
C VAL B 39 -15.97 4.45 -5.43
N LEU B 40 -14.95 4.69 -6.26
CA LEU B 40 -15.12 5.63 -7.36
C LEU B 40 -15.71 5.00 -8.61
N HIS B 41 -15.70 3.68 -8.69
CA HIS B 41 -16.16 2.93 -9.86
C HIS B 41 -15.52 3.49 -11.12
N ILE B 42 -14.19 3.61 -11.08
CA ILE B 42 -13.46 4.10 -12.24
C ILE B 42 -13.68 3.18 -13.43
N SER B 43 -13.44 1.88 -13.25
CA SER B 43 -13.58 0.94 -14.34
C SER B 43 -14.98 0.97 -14.94
N ASP B 44 -16.01 1.07 -14.11
CA ASP B 44 -17.38 1.19 -14.63
C ASP B 44 -17.51 2.40 -15.53
N ASN B 45 -17.13 3.57 -15.02
CA ASN B 45 -17.34 4.79 -15.78
C ASN B 45 -16.50 4.81 -17.05
N VAL B 46 -15.32 4.16 -17.04
CA VAL B 46 -14.56 3.99 -18.28
C VAL B 46 -15.33 3.11 -19.27
N LYS B 47 -15.79 1.95 -18.82
CA LYS B 47 -16.53 1.07 -19.72
C LYS B 47 -17.74 1.77 -20.33
N LYS B 48 -18.53 2.46 -19.50
CA LYS B 48 -19.72 3.14 -20.01
C LYS B 48 -19.40 3.97 -21.25
N LYS B 49 -18.23 4.59 -21.27
CA LYS B 49 -17.86 5.53 -22.33
C LYS B 49 -16.89 4.95 -23.35
N LEU B 50 -16.47 3.70 -23.21
CA LEU B 50 -15.57 3.16 -24.21
C LEU B 50 -16.31 3.00 -25.54
N PRO B 51 -15.63 3.22 -26.68
CA PRO B 51 -16.31 3.08 -27.97
C PRO B 51 -16.60 1.61 -28.26
N GLU B 52 -17.47 1.41 -29.24
CA GLU B 52 -17.94 0.08 -29.61
C GLU B 52 -16.77 -0.86 -29.92
N GLY B 53 -16.77 -2.01 -29.26
CA GLY B 53 -15.79 -3.04 -29.57
C GLY B 53 -14.63 -3.12 -28.58
N VAL B 54 -14.07 -1.97 -28.21
CA VAL B 54 -12.92 -1.96 -27.29
C VAL B 54 -13.33 -2.65 -26.00
N LYS B 55 -12.57 -3.68 -25.62
CA LYS B 55 -12.76 -4.44 -24.39
C LYS B 55 -11.75 -4.00 -23.34
N MET B 56 -12.18 -4.03 -22.08
CA MET B 56 -11.27 -3.73 -20.99
C MET B 56 -10.60 -5.01 -20.52
N THR B 57 -9.33 -4.89 -20.14
CA THR B 57 -8.54 -5.99 -19.62
C THR B 57 -7.95 -5.57 -18.29
N LYS B 58 -7.96 -6.47 -17.31
CA LYS B 58 -7.49 -6.13 -15.96
C LYS B 58 -6.61 -7.25 -15.45
N TYR B 59 -5.37 -6.91 -15.06
CA TYR B 59 -4.42 -7.89 -14.55
C TYR B 59 -4.04 -7.55 -13.12
N HIS B 60 -3.71 -8.59 -12.36
CA HIS B 60 -3.21 -8.43 -11.00
C HIS B 60 -1.69 -8.34 -11.01
N VAL B 61 -1.12 -7.77 -9.94
CA VAL B 61 0.34 -7.65 -9.89
C VAL B 61 0.85 -8.36 -8.65
N ASN B 62 2.15 -8.65 -8.68
CA ASN B 62 2.84 -9.45 -7.67
C ASN B 62 3.52 -8.62 -6.59
N PHE B 63 3.99 -7.41 -6.92
CA PHE B 63 4.90 -6.72 -6.03
C PHE B 63 4.26 -6.16 -4.76
N MET B 64 3.05 -6.56 -4.38
CA MET B 64 2.51 -6.21 -3.08
C MET B 64 2.13 -7.47 -2.30
N GLY B 65 2.56 -7.56 -1.05
CA GLY B 65 2.24 -8.73 -0.25
C GLY B 65 3.18 -9.91 -0.43
N GLY B 66 4.33 -9.71 -1.05
CA GLY B 66 5.27 -10.81 -1.23
C GLY B 66 4.63 -12.01 -1.92
N ASP B 67 4.91 -13.20 -1.39
CA ASP B 67 4.44 -14.43 -2.01
C ASP B 67 2.92 -14.55 -1.97
N LEU B 68 2.28 -14.03 -0.92
CA LEU B 68 0.82 -13.96 -0.95
C LEU B 68 0.35 -13.14 -2.14
N GLY B 69 1.11 -12.13 -2.52
CA GLY B 69 0.78 -11.39 -3.73
C GLY B 69 0.80 -12.27 -4.97
N LYS B 70 1.79 -13.13 -5.09
CA LYS B 70 1.78 -14.00 -6.26
C LYS B 70 0.56 -14.90 -6.24
N ASP B 71 0.24 -15.45 -5.07
CA ASP B 71 -0.92 -16.32 -4.99
C ASP B 71 -2.15 -15.59 -5.44
N LEU B 72 -2.33 -14.32 -5.02
CA LEU B 72 -3.50 -13.58 -5.49
C LEU B 72 -3.48 -13.39 -7.01
N THR B 73 -2.28 -13.26 -7.58
CA THR B 73 -2.20 -13.15 -9.03
C THR B 73 -2.67 -14.43 -9.70
N GLN B 74 -2.24 -15.58 -9.18
CA GLN B 74 -2.73 -16.84 -9.72
C GLN B 74 -4.24 -16.96 -9.53
N ALA B 75 -4.74 -16.53 -8.37
CA ALA B 75 -6.17 -16.59 -8.11
C ALA B 75 -6.94 -15.72 -9.09
N TRP B 76 -6.41 -14.54 -9.41
CA TRP B 76 -7.07 -13.72 -10.40
C TRP B 76 -7.05 -14.37 -11.77
N ALA B 77 -5.98 -15.12 -12.08
CA ALA B 77 -5.98 -15.95 -13.27
C ALA B 77 -7.14 -16.94 -13.25
N VAL B 78 -7.38 -17.58 -12.10
CA VAL B 78 -8.51 -18.51 -11.99
C VAL B 78 -9.83 -17.76 -12.15
N ALA B 79 -9.96 -16.59 -11.52
CA ALA B 79 -11.17 -15.80 -11.67
C ALA B 79 -11.46 -15.52 -13.14
N MET B 80 -10.43 -15.11 -13.89
CA MET B 80 -10.61 -14.88 -15.32
C MET B 80 -11.00 -16.16 -16.04
N ALA B 81 -10.30 -17.26 -15.78
CA ALA B 81 -10.57 -18.49 -16.51
C ALA B 81 -12.01 -18.95 -16.30
N LEU B 82 -12.51 -18.85 -15.08
CA LEU B 82 -13.84 -19.28 -14.69
C LEU B 82 -14.92 -18.23 -14.96
N GLY B 83 -14.52 -17.02 -15.36
CA GLY B 83 -15.47 -15.91 -15.49
C GLY B 83 -16.22 -15.59 -14.21
N VAL B 84 -15.52 -15.44 -13.10
CA VAL B 84 -16.22 -15.11 -11.85
C VAL B 84 -15.60 -13.86 -11.24
N GLU B 85 -15.01 -13.01 -12.08
CA GLU B 85 -14.50 -11.71 -11.61
C GLU B 85 -15.56 -10.94 -10.85
N ASP B 86 -16.78 -10.87 -11.40
CA ASP B 86 -17.84 -10.11 -10.77
C ASP B 86 -18.49 -10.86 -9.59
N LYS B 87 -17.86 -11.92 -9.10
CA LYS B 87 -18.39 -12.63 -7.95
C LYS B 87 -17.38 -12.66 -6.81
N VAL B 88 -16.08 -12.67 -7.13
CA VAL B 88 -15.04 -12.82 -6.13
C VAL B 88 -14.29 -11.52 -5.81
N THR B 89 -14.50 -10.45 -6.58
CA THR B 89 -13.68 -9.27 -6.42
C THR B 89 -13.88 -8.60 -5.07
N VAL B 90 -15.13 -8.56 -4.60
CA VAL B 90 -15.47 -7.96 -3.32
C VAL B 90 -15.01 -8.85 -2.17
N PRO B 91 -15.43 -10.12 -2.10
CA PRO B 91 -14.85 -11.01 -1.08
C PRO B 91 -13.32 -10.92 -1.01
N LEU B 92 -12.66 -10.72 -2.15
CA LEU B 92 -11.20 -10.69 -2.16
C LEU B 92 -10.67 -9.38 -1.62
N PHE B 93 -11.24 -8.22 -2.05
CA PHE B 93 -10.79 -6.95 -1.49
C PHE B 93 -11.08 -6.89 0.01
N GLU B 94 -12.31 -7.22 0.39
CA GLU B 94 -12.69 -7.15 1.79
C GLU B 94 -11.90 -8.12 2.63
N GLY B 95 -11.68 -9.34 2.12
CA GLY B 95 -10.96 -10.34 2.90
C GLY B 95 -9.53 -9.92 3.18
N VAL B 96 -8.86 -9.33 2.18
CA VAL B 96 -7.47 -8.89 2.36
C VAL B 96 -7.40 -7.61 3.19
N GLN B 97 -8.24 -6.62 2.86
CA GLN B 97 -8.04 -5.29 3.41
C GLN B 97 -8.99 -4.91 4.52
N LYS B 98 -10.17 -5.53 4.62
CA LYS B 98 -11.17 -5.04 5.56
C LYS B 98 -11.36 -6.02 6.73
N THR B 99 -11.99 -7.18 6.47
CA THR B 99 -12.14 -8.19 7.52
C THR B 99 -10.81 -8.82 7.89
N GLN B 100 -9.85 -8.84 6.95
CA GLN B 100 -8.55 -9.45 7.15
C GLN B 100 -8.69 -10.92 7.53
N THR B 101 -9.57 -11.60 6.80
CA THR B 101 -9.75 -13.03 6.93
C THR B 101 -9.07 -13.79 5.81
N ILE B 102 -8.47 -13.09 4.86
CA ILE B 102 -7.65 -13.69 3.82
C ILE B 102 -6.19 -13.48 4.21
N ARG B 103 -5.52 -14.54 4.63
CA ARG B 103 -4.15 -14.44 5.10
C ARG B 103 -3.23 -15.42 4.42
N SER B 104 -3.77 -16.32 3.59
CA SER B 104 -2.96 -17.33 2.93
C SER B 104 -3.76 -17.85 1.74
N ALA B 105 -3.12 -18.75 0.99
CA ALA B 105 -3.71 -19.18 -0.27
C ALA B 105 -4.99 -19.99 -0.03
N SER B 106 -5.06 -20.75 1.08
CA SER B 106 -6.27 -21.52 1.32
C SER B 106 -7.44 -20.61 1.64
N ASP B 107 -7.20 -19.50 2.34
CA ASP B 107 -8.27 -18.52 2.54
C ASP B 107 -8.81 -17.98 1.21
N ILE B 108 -7.96 -17.92 0.18
CA ILE B 108 -8.41 -17.48 -1.13
C ILE B 108 -9.31 -18.54 -1.76
N ARG B 109 -8.89 -19.80 -1.68
CA ARG B 109 -9.74 -20.88 -2.14
C ARG B 109 -11.10 -20.83 -1.47
N ASP B 110 -11.14 -20.52 -0.16
CA ASP B 110 -12.43 -20.49 0.53
C ASP B 110 -13.33 -19.43 -0.05
N VAL B 111 -12.75 -18.29 -0.46
CA VAL B 111 -13.56 -17.24 -1.08
C VAL B 111 -14.27 -17.77 -2.32
N PHE B 112 -13.57 -18.55 -3.16
CA PHE B 112 -14.19 -19.07 -4.38
C PHE B 112 -15.22 -20.14 -4.04
N ILE B 113 -14.84 -21.07 -3.15
CA ILE B 113 -15.78 -22.12 -2.77
C ILE B 113 -17.03 -21.50 -2.19
N ASN B 114 -16.87 -20.44 -1.37
CA ASN B 114 -17.99 -19.76 -0.75
C ASN B 114 -18.85 -18.98 -1.73
N ALA B 115 -18.32 -18.60 -2.90
CA ALA B 115 -19.16 -18.03 -3.95
C ALA B 115 -19.76 -19.09 -4.87
N GLY B 116 -19.53 -20.37 -4.60
CA GLY B 116 -20.28 -21.45 -5.24
C GLY B 116 -19.51 -22.25 -6.26
N ILE B 117 -18.26 -21.90 -6.54
CA ILE B 117 -17.37 -22.76 -7.33
C ILE B 117 -16.98 -23.94 -6.46
N LYS B 118 -17.14 -25.15 -6.99
CA LYS B 118 -16.70 -26.34 -6.29
C LYS B 118 -15.20 -26.31 -6.07
N GLY B 119 -14.76 -26.86 -4.93
CA GLY B 119 -13.34 -26.95 -4.65
C GLY B 119 -12.55 -27.65 -5.74
N GLU B 120 -13.07 -28.78 -6.23
CA GLU B 120 -12.37 -29.56 -7.26
C GLU B 120 -12.19 -28.76 -8.53
N GLU B 121 -13.22 -28.01 -8.93
CA GLU B 121 -13.14 -27.14 -10.09
C GLU B 121 -12.16 -26.00 -9.86
N TYR B 122 -12.15 -25.41 -8.67
CA TYR B 122 -11.17 -24.38 -8.38
C TYR B 122 -9.77 -24.97 -8.48
N ASP B 123 -9.56 -26.14 -7.88
CA ASP B 123 -8.22 -26.69 -7.87
C ASP B 123 -7.78 -27.08 -9.25
N ALA B 124 -8.68 -27.67 -10.04
CA ALA B 124 -8.32 -28.02 -11.41
C ALA B 124 -7.96 -26.76 -12.19
N ALA B 125 -8.69 -25.67 -11.96
CA ALA B 125 -8.33 -24.43 -12.64
C ALA B 125 -6.99 -23.94 -12.15
N TRP B 126 -6.79 -23.92 -10.83
CA TRP B 126 -5.53 -23.47 -10.26
C TRP B 126 -4.33 -24.07 -10.99
N ASN B 127 -4.42 -25.34 -11.37
CA ASN B 127 -3.31 -26.03 -12.04
C ASN B 127 -3.48 -26.13 -13.55
N SER B 128 -4.54 -25.55 -14.10
CA SER B 128 -4.73 -25.57 -15.54
C SER B 128 -3.59 -24.85 -16.26
N PHE B 129 -3.29 -25.31 -17.48
CA PHE B 129 -2.35 -24.59 -18.33
C PHE B 129 -2.88 -23.21 -18.70
N VAL B 130 -4.20 -23.06 -18.84
CA VAL B 130 -4.81 -21.76 -19.07
C VAL B 130 -4.41 -20.79 -17.95
N VAL B 131 -4.59 -21.22 -16.70
CA VAL B 131 -4.19 -20.36 -15.57
C VAL B 131 -2.69 -20.09 -15.62
N LYS B 132 -1.88 -21.13 -15.76
CA LYS B 132 -0.43 -20.92 -15.87
C LYS B 132 -0.12 -19.88 -16.93
N SER B 133 -0.69 -20.05 -18.13
CA SER B 133 -0.49 -19.07 -19.20
C SER B 133 -0.97 -17.68 -18.80
N LEU B 134 -2.11 -17.61 -18.08
CA LEU B 134 -2.66 -16.32 -17.71
C LEU B 134 -1.79 -15.61 -16.68
N VAL B 135 -1.11 -16.37 -15.81
CA VAL B 135 -0.12 -15.75 -14.92
C VAL B 135 1.07 -15.25 -15.71
N ALA B 136 1.51 -16.02 -16.70
CA ALA B 136 2.61 -15.55 -17.53
C ALA B 136 2.26 -14.22 -18.19
N GLN B 137 1.04 -14.09 -18.71
CA GLN B 137 0.65 -12.87 -19.41
C GLN B 137 0.59 -11.70 -18.45
N GLN B 138 -0.01 -11.89 -17.28
CA GLN B 138 -0.07 -10.80 -16.31
C GLN B 138 1.33 -10.35 -15.94
N GLU B 139 2.22 -11.30 -15.62
CA GLU B 139 3.59 -10.93 -15.31
C GLU B 139 4.25 -10.18 -16.47
N LYS B 140 4.11 -10.69 -17.70
CA LYS B 140 4.87 -10.06 -18.78
C LYS B 140 4.26 -8.73 -19.21
N ALA B 141 2.93 -8.61 -19.20
CA ALA B 141 2.35 -7.30 -19.47
C ALA B 141 2.98 -6.25 -18.55
N ALA B 142 2.97 -6.53 -17.24
CA ALA B 142 3.58 -5.63 -16.27
C ALA B 142 5.02 -5.28 -16.65
N ALA B 143 5.87 -6.31 -16.84
CA ALA B 143 7.25 -6.02 -17.22
C ALA B 143 7.29 -5.14 -18.46
N ASP B 144 6.42 -5.42 -19.42
CA ASP B 144 6.45 -4.71 -20.69
C ASP B 144 6.32 -3.20 -20.50
N VAL B 145 5.40 -2.77 -19.62
CA VAL B 145 5.17 -1.34 -19.45
C VAL B 145 6.05 -0.74 -18.36
N GLN B 146 6.93 -1.52 -17.76
CA GLN B 146 7.81 -1.00 -16.72
C GLN B 146 7.03 -0.64 -15.46
N LEU B 147 5.94 -1.37 -15.21
CA LEU B 147 5.01 -1.06 -14.15
C LEU B 147 5.73 -0.86 -12.83
N ARG B 148 5.70 0.36 -12.30
CA ARG B 148 6.28 0.62 -10.98
C ARG B 148 5.24 0.59 -9.86
N GLY B 149 3.96 0.75 -10.17
CA GLY B 149 2.96 0.77 -9.12
C GLY B 149 1.54 0.57 -9.64
N VAL B 150 0.61 0.46 -8.70
CA VAL B 150 -0.81 0.40 -9.03
C VAL B 150 -1.56 1.36 -8.13
N PRO B 151 -2.79 1.72 -8.51
CA PRO B 151 -3.36 1.32 -9.80
C PRO B 151 -2.73 2.02 -10.99
N ALA B 152 -3.05 1.53 -12.20
CA ALA B 152 -2.54 2.10 -13.44
C ALA B 152 -3.38 1.58 -14.60
N MET B 153 -3.47 2.38 -15.67
CA MET B 153 -4.20 1.99 -16.87
C MET B 153 -3.42 2.42 -18.09
N PHE B 154 -3.42 1.57 -19.11
CA PHE B 154 -2.65 1.80 -20.33
C PHE B 154 -3.56 1.58 -21.53
N VAL B 155 -3.46 2.47 -22.52
CA VAL B 155 -4.28 2.44 -23.71
C VAL B 155 -3.37 2.13 -24.88
N ASN B 156 -3.67 1.06 -25.60
CA ASN B 156 -2.93 0.65 -26.79
C ASN B 156 -1.43 0.61 -26.56
N GLY B 157 -1.03 0.26 -25.33
CA GLY B 157 0.38 0.11 -25.04
C GLY B 157 1.24 1.32 -25.35
N LYS B 158 0.64 2.50 -25.47
CA LYS B 158 1.40 3.70 -25.77
C LYS B 158 1.16 4.84 -24.80
N TYR B 159 0.01 4.89 -24.13
CA TYR B 159 -0.31 5.99 -23.26
C TYR B 159 -0.65 5.45 -21.87
N GLN B 160 -0.36 6.27 -20.86
CA GLN B 160 -0.56 5.89 -19.47
C GLN B 160 -1.40 6.95 -18.78
N LEU B 161 -2.50 6.54 -18.16
CA LEU B 161 -3.35 7.48 -17.45
C LEU B 161 -2.54 8.20 -16.37
N ASN B 162 -2.69 9.52 -16.29
CA ASN B 162 -2.03 10.32 -15.27
C ASN B 162 -3.08 10.97 -14.36
N PRO B 163 -3.73 10.17 -13.50
CA PRO B 163 -4.75 10.74 -12.61
C PRO B 163 -4.19 11.83 -11.72
N GLN B 164 -2.87 11.83 -11.46
CA GLN B 164 -2.33 12.88 -10.62
C GLN B 164 -2.39 14.25 -11.28
N GLY B 165 -2.61 14.30 -12.60
CA GLY B 165 -2.70 15.56 -13.31
C GLY B 165 -4.11 16.06 -13.53
N MET B 166 -5.11 15.34 -13.04
CA MET B 166 -6.53 15.58 -13.25
C MET B 166 -7.11 16.47 -12.13
N ASP B 167 -8.37 16.86 -12.28
CA ASP B 167 -9.03 17.68 -11.26
C ASP B 167 -9.41 16.78 -10.10
N THR B 168 -8.54 16.72 -9.09
CA THR B 168 -8.78 15.91 -7.90
C THR B 168 -9.69 16.59 -6.86
N SER B 169 -10.10 17.85 -7.08
CA SER B 169 -11.01 18.52 -6.16
C SER B 169 -12.36 17.82 -6.14
N ASN B 170 -13.01 17.82 -7.29
CA ASN B 170 -14.32 17.21 -7.42
C ASN B 170 -14.18 15.78 -7.93
N MET B 171 -14.62 14.82 -7.13
CA MET B 171 -14.46 13.42 -7.52
C MET B 171 -15.36 13.07 -8.71
N ASP B 172 -16.57 13.62 -8.76
CA ASP B 172 -17.46 13.33 -9.90
C ASP B 172 -16.83 13.81 -11.21
N VAL B 173 -16.29 15.03 -11.22
CA VAL B 173 -15.60 15.52 -12.42
C VAL B 173 -14.38 14.67 -12.69
N PHE B 174 -13.66 14.28 -11.64
CA PHE B 174 -12.44 13.50 -11.82
C PHE B 174 -12.75 12.17 -12.48
N VAL B 175 -13.78 11.48 -12.01
CA VAL B 175 -14.13 10.17 -12.56
C VAL B 175 -14.45 10.31 -14.06
N GLN B 176 -15.27 11.29 -14.42
CA GLN B 176 -15.63 11.45 -15.82
C GLN B 176 -14.43 11.95 -16.64
N GLN B 177 -13.58 12.79 -16.03
CA GLN B 177 -12.32 13.17 -16.69
C GLN B 177 -11.44 11.96 -16.94
N TYR B 178 -11.30 11.08 -15.96
CA TYR B 178 -10.56 9.83 -16.19
C TYR B 178 -11.17 9.04 -17.34
N ALA B 179 -12.50 8.87 -17.32
CA ALA B 179 -13.15 8.05 -18.34
C ALA B 179 -13.01 8.67 -19.72
N ASP B 180 -13.27 9.98 -19.83
CA ASP B 180 -13.12 10.67 -21.11
C ASP B 180 -11.69 10.59 -21.62
N THR B 181 -10.70 10.63 -20.72
CA THR B 181 -9.31 10.57 -21.15
C THR B 181 -9.01 9.22 -21.80
N VAL B 182 -9.49 8.15 -21.18
CA VAL B 182 -9.38 6.82 -21.78
C VAL B 182 -9.99 6.83 -23.18
N LYS B 183 -11.26 7.23 -23.28
CA LYS B 183 -11.90 7.28 -24.58
C LYS B 183 -11.05 8.09 -25.58
N TYR B 184 -10.62 9.29 -25.17
CA TYR B 184 -9.85 10.15 -26.06
C TYR B 184 -8.61 9.45 -26.57
N LEU B 185 -7.91 8.72 -25.69
CA LEU B 185 -6.69 8.04 -26.09
C LEU B 185 -6.99 6.87 -27.01
N SER B 186 -8.09 6.16 -26.74
CA SER B 186 -8.46 5.04 -27.58
C SER B 186 -8.64 5.48 -29.04
N GLU B 187 -9.13 6.69 -29.26
CA GLU B 187 -9.29 7.25 -30.61
C GLU B 187 -7.99 7.85 -31.14
N LYS B 188 -7.18 8.46 -30.28
CA LYS B 188 -5.79 8.80 -30.61
C LYS B 188 -4.93 7.54 -30.71
#